data_3WGM
#
_entry.id   3WGM
#
_cell.length_a   44.530
_cell.length_b   89.640
_cell.length_c   66.580
_cell.angle_alpha   90.000
_cell.angle_beta   96.110
_cell.angle_gamma   90.000
#
_symmetry.space_group_name_H-M   'P 1 21 1'
#
loop_
_entity.id
_entity.type
_entity.pdbx_description
1 polymer 'Cell division protein FtsZ'
2 non-polymer "GUANOSINE-5'-TRIPHOSPHATE"
3 non-polymer 'MAGNESIUM ION'
4 water water
#
_entity_poly.entity_id   1
_entity_poly.type   'polypeptide(L)'
_entity_poly.pdbx_seq_one_letter_code
;GHMLEFEQGFNHLATLKVIGVGGGGNNAVNRMIDHGMNNVEFIAINTDGQALNLSKAESKIQIGEKLTRGLGAGANPEIG
KKAAEESREQIEDAIQGADMVFVTSGMGGGTGTGAAPVVAKIAKEMGALTVGVVTRPFSFEGRKRQTQAAAGVEAMKAAV
DTLIVIPNDRLLDIVDKSTPMMEAFKEADNVLRQGVQGISDLIAVGANLDFADVKTIMSNQGSALMGIGVSSGENRAVEA
AKKAISSPLLETSIVGAQGVLMNITGGESLSLFEAQEAADIVQDAADEDVNMIFGTVINPELQDEIVVTVIATGFDDKPT
SHGRKSGSTGFGTSVNTSSNATSKDESFTSNSSNAQATDSVSERTHTTKEDDIPSFIRNREERRSRRTRR
;
_entity_poly.pdbx_strand_id   A,B
#
loop_
_chem_comp.id
_chem_comp.type
_chem_comp.name
_chem_comp.formula
GTP non-polymer GUANOSINE-5'-TRIPHOSPHATE 'C10 H16 N5 O14 P3'
MG non-polymer 'MAGNESIUM ION' 'Mg 2'
#
# COMPACT_ATOMS: atom_id res chain seq x y z
N ALA A 14 10.61 8.17 11.76
CA ALA A 14 11.83 7.36 11.68
C ALA A 14 12.43 7.41 10.27
N THR A 15 13.65 7.93 10.17
CA THR A 15 14.31 8.13 8.88
C THR A 15 15.18 6.93 8.49
N LEU A 16 15.00 6.42 7.27
CA LEU A 16 15.82 5.33 6.76
C LEU A 16 16.74 5.79 5.66
N LYS A 17 18.00 5.38 5.75
CA LYS A 17 18.94 5.64 4.69
C LYS A 17 19.59 4.35 4.23
N VAL A 18 19.82 4.26 2.93
CA VAL A 18 20.48 3.12 2.32
C VAL A 18 21.77 3.64 1.70
N ILE A 19 22.89 3.04 2.10
CA ILE A 19 24.20 3.49 1.63
C ILE A 19 24.90 2.39 0.85
N GLY A 20 25.18 2.65 -0.42
CA GLY A 20 25.92 1.71 -1.26
C GLY A 20 27.38 2.07 -1.31
N VAL A 21 28.24 1.09 -1.01
CA VAL A 21 29.67 1.36 -0.90
C VAL A 21 30.47 0.49 -1.86
N GLY A 22 31.22 1.13 -2.75
CA GLY A 22 31.97 0.42 -3.76
C GLY A 22 31.10 0.11 -4.97
N GLY A 23 31.69 -0.54 -5.98
CA GLY A 23 31.03 -0.76 -7.25
C GLY A 23 29.72 -1.53 -7.12
N GLY A 24 29.77 -2.67 -6.46
CA GLY A 24 28.59 -3.48 -6.21
C GLY A 24 27.52 -2.73 -5.43
N GLY A 25 27.94 -1.98 -4.42
CA GLY A 25 27.05 -1.15 -3.63
C GLY A 25 26.34 -0.10 -4.49
N ASN A 26 27.11 0.59 -5.33
CA ASN A 26 26.52 1.58 -6.24
C ASN A 26 25.56 0.93 -7.23
N ASN A 27 25.94 -0.23 -7.77
CA ASN A 27 25.09 -0.94 -8.71
C ASN A 27 23.74 -1.30 -8.11
N ALA A 28 23.76 -1.83 -6.88
CA ALA A 28 22.54 -2.13 -6.15
C ALA A 28 21.67 -0.90 -5.93
N VAL A 29 22.30 0.21 -5.52
CA VAL A 29 21.57 1.47 -5.36
C VAL A 29 20.92 1.90 -6.67
N ASN A 30 21.69 1.80 -7.76
CA ASN A 30 21.21 2.15 -9.08
C ASN A 30 20.02 1.29 -9.55
N ARG A 31 20.14 -0.02 -9.40
CA ARG A 31 19.05 -0.94 -9.75
C ARG A 31 17.80 -0.72 -8.92
N MET A 32 17.98 -0.46 -7.63
CA MET A 32 16.86 -0.20 -6.72
C MET A 32 16.18 1.16 -6.88
N ILE A 33 16.97 2.21 -7.12
CA ILE A 33 16.38 3.52 -7.41
C ILE A 33 15.60 3.44 -8.72
N ASP A 34 16.16 2.73 -9.70
CA ASP A 34 15.52 2.56 -10.99
C ASP A 34 14.18 1.86 -10.85
N HIS A 35 14.13 0.85 -9.99
CA HIS A 35 12.90 0.11 -9.79
C HIS A 35 12.09 0.75 -8.66
N GLY A 36 12.36 2.02 -8.38
CA GLY A 36 11.46 2.86 -7.61
C GLY A 36 11.19 2.63 -6.13
N MET A 37 12.23 2.62 -5.31
CA MET A 37 12.06 2.78 -3.86
C MET A 37 11.80 4.25 -3.53
N ASN A 38 10.91 4.51 -2.57
CA ASN A 38 10.61 5.90 -2.16
C ASN A 38 10.52 6.08 -0.65
N ASN A 39 10.64 7.33 -0.20
CA ASN A 39 10.68 7.67 1.23
C ASN A 39 11.89 7.05 1.92
N VAL A 40 12.94 6.83 1.16
CA VAL A 40 14.19 6.34 1.69
C VAL A 40 15.29 7.16 1.03
N GLU A 41 16.24 7.65 1.81
CA GLU A 41 17.36 8.38 1.23
C GLU A 41 18.46 7.44 0.78
N PHE A 42 18.87 7.58 -0.47
CA PHE A 42 19.92 6.76 -1.04
C PHE A 42 21.23 7.54 -1.08
N ILE A 43 22.30 6.92 -0.61
CA ILE A 43 23.62 7.56 -0.61
C ILE A 43 24.60 6.65 -1.32
N ALA A 44 25.34 7.19 -2.29
CA ALA A 44 26.35 6.41 -2.98
C ALA A 44 27.75 6.85 -2.56
N ILE A 45 28.58 5.90 -2.17
CA ILE A 45 29.93 6.23 -1.74
C ILE A 45 30.91 5.39 -2.54
N ASN A 46 31.95 6.01 -3.06
CA ASN A 46 32.95 5.27 -3.81
C ASN A 46 34.25 6.04 -3.92
N THR A 47 35.34 5.32 -4.19
CA THR A 47 36.59 5.93 -4.57
C THR A 47 36.51 6.29 -6.04
N ASP A 48 35.80 5.46 -6.79
CA ASP A 48 35.71 5.58 -8.25
C ASP A 48 34.80 6.73 -8.70
N GLY A 49 35.43 7.81 -9.17
CA GLY A 49 34.71 8.99 -9.61
C GLY A 49 33.77 8.74 -10.77
N GLN A 50 34.18 7.91 -11.72
CA GLN A 50 33.35 7.61 -12.87
C GLN A 50 32.06 6.88 -12.47
N ALA A 51 32.20 5.88 -11.61
CA ALA A 51 31.05 5.20 -11.01
C ALA A 51 30.07 6.18 -10.39
N LEU A 52 30.58 7.10 -9.59
CA LEU A 52 29.74 8.09 -8.93
C LEU A 52 28.98 8.95 -9.94
N ASN A 53 29.63 9.28 -11.04
CA ASN A 53 29.01 10.07 -12.10
C ASN A 53 27.83 9.31 -12.72
N LEU A 54 27.94 7.99 -12.78
CA LEU A 54 26.88 7.14 -13.34
C LEU A 54 25.79 6.80 -12.33
N SER A 55 25.98 7.24 -11.08
CA SER A 55 25.03 6.93 -10.02
C SER A 55 23.78 7.79 -10.08
N LYS A 56 22.62 7.16 -9.84
CA LYS A 56 21.35 7.88 -9.78
C LYS A 56 21.08 8.37 -8.37
N ALA A 57 21.98 8.07 -7.45
CA ALA A 57 21.72 8.41 -6.04
C ALA A 57 21.61 9.91 -5.84
N GLU A 58 20.69 10.30 -4.98
CA GLU A 58 20.47 11.72 -4.67
C GLU A 58 21.71 12.34 -4.03
N SER A 59 22.33 11.60 -3.12
CA SER A 59 23.50 12.08 -2.38
C SER A 59 24.71 11.21 -2.71
N LYS A 60 25.80 11.84 -3.14
CA LYS A 60 27.00 11.09 -3.53
C LYS A 60 28.23 11.57 -2.79
N ILE A 61 29.08 10.64 -2.37
CA ILE A 61 30.30 10.98 -1.67
C ILE A 61 31.49 10.27 -2.29
N GLN A 62 32.44 11.04 -2.82
CA GLN A 62 33.70 10.47 -3.26
C GLN A 62 34.68 10.45 -2.11
N ILE A 63 35.26 9.30 -1.84
CA ILE A 63 36.24 9.18 -0.75
C ILE A 63 37.63 8.91 -1.29
N GLY A 64 38.64 9.33 -0.54
CA GLY A 64 40.02 9.02 -0.88
C GLY A 64 40.52 9.65 -2.16
N GLU A 65 40.03 10.84 -2.48
CA GLU A 65 40.47 11.55 -3.70
C GLU A 65 41.99 11.63 -3.77
N LYS A 66 42.63 12.01 -2.68
CA LYS A 66 44.09 12.11 -2.63
C LYS A 66 44.78 10.75 -2.71
N LEU A 67 44.07 9.67 -2.39
CA LEU A 67 44.64 8.33 -2.49
C LEU A 67 44.63 7.77 -3.90
N THR A 68 43.51 7.94 -4.59
CA THR A 68 43.26 7.19 -5.81
C THR A 68 43.22 8.08 -7.04
N ARG A 69 43.15 9.39 -6.82
CA ARG A 69 43.00 10.37 -7.89
C ARG A 69 41.73 10.07 -8.68
N GLY A 70 40.71 9.58 -7.97
CA GLY A 70 39.43 9.31 -8.60
C GLY A 70 39.33 7.95 -9.25
N LEU A 71 40.39 7.14 -9.12
CA LEU A 71 40.31 5.76 -9.58
C LEU A 71 39.68 4.89 -8.49
N GLY A 72 39.47 3.60 -8.78
CA GLY A 72 39.01 2.67 -7.78
C GLY A 72 40.17 2.30 -6.87
N ALA A 73 39.94 1.36 -5.95
CA ALA A 73 40.98 0.99 -4.99
C ALA A 73 41.91 -0.10 -5.52
N GLY A 74 41.64 -0.55 -6.75
CA GLY A 74 42.42 -1.59 -7.40
C GLY A 74 42.52 -2.86 -6.56
N ALA A 75 41.40 -3.23 -5.95
CA ALA A 75 41.30 -4.43 -5.10
C ALA A 75 42.15 -4.40 -3.84
N ASN A 76 42.56 -3.21 -3.41
CA ASN A 76 43.33 -3.08 -2.17
C ASN A 76 42.46 -2.52 -1.03
N PRO A 77 42.08 -3.39 -0.09
CA PRO A 77 41.19 -3.00 1.03
C PRO A 77 41.82 -1.95 1.94
N GLU A 78 43.14 -1.92 2.01
CA GLU A 78 43.83 -0.91 2.80
C GLU A 78 43.44 0.49 2.30
N ILE A 79 43.34 0.62 0.97
CA ILE A 79 42.97 1.88 0.33
C ILE A 79 41.54 2.30 0.65
N GLY A 80 40.60 1.38 0.51
CA GLY A 80 39.21 1.63 0.84
C GLY A 80 39.03 2.09 2.28
N LYS A 81 39.71 1.40 3.20
CA LYS A 81 39.68 1.78 4.61
C LYS A 81 40.26 3.18 4.85
N LYS A 82 41.46 3.40 4.34
CA LYS A 82 42.13 4.69 4.48
C LYS A 82 41.29 5.83 3.86
N ALA A 83 40.68 5.54 2.72
CA ALA A 83 39.82 6.52 2.04
C ALA A 83 38.63 6.90 2.92
N ALA A 84 37.97 5.89 3.48
CA ALA A 84 36.80 6.14 4.31
C ALA A 84 37.18 6.93 5.55
N GLU A 85 38.28 6.55 6.20
CA GLU A 85 38.69 7.22 7.43
C GLU A 85 38.99 8.70 7.22
N GLU A 86 39.58 9.04 6.08
CA GLU A 86 39.90 10.43 5.75
C GLU A 86 38.66 11.26 5.45
N SER A 87 37.58 10.60 5.07
CA SER A 87 36.34 11.30 4.74
C SER A 87 35.29 11.18 5.82
N ARG A 88 35.72 10.94 7.05
CA ARG A 88 34.84 10.75 8.19
C ARG A 88 33.83 11.89 8.31
N GLU A 89 34.30 13.11 8.13
CA GLU A 89 33.43 14.27 8.25
C GLU A 89 32.31 14.29 7.21
N GLN A 90 32.64 13.98 5.95
CA GLN A 90 31.64 13.90 4.90
C GLN A 90 30.65 12.78 5.17
N ILE A 91 31.17 11.65 5.66
CA ILE A 91 30.32 10.49 5.91
C ILE A 91 29.35 10.74 7.05
N GLU A 92 29.84 11.32 8.15
CA GLU A 92 28.97 11.69 9.27
C GLU A 92 27.86 12.63 8.82
N ASP A 93 28.22 13.61 8.00
CA ASP A 93 27.26 14.63 7.57
C ASP A 93 26.13 14.07 6.71
N ALA A 94 26.46 13.10 5.86
CA ALA A 94 25.45 12.44 5.05
C ALA A 94 24.53 11.60 5.90
N ILE A 95 25.10 10.99 6.94
CA ILE A 95 24.34 10.11 7.82
C ILE A 95 23.42 10.82 8.81
N GLN A 96 23.88 11.93 9.38
CA GLN A 96 23.18 12.56 10.49
C GLN A 96 21.69 12.78 10.22
N GLY A 97 20.85 12.39 11.19
CA GLY A 97 19.41 12.47 11.06
C GLY A 97 18.78 11.10 10.85
N ALA A 98 19.60 10.12 10.51
CA ALA A 98 19.09 8.76 10.28
C ALA A 98 18.76 8.04 11.59
N ASP A 99 17.62 7.35 11.64
CA ASP A 99 17.31 6.49 12.77
C ASP A 99 17.85 5.08 12.49
N MET A 100 17.91 4.73 11.22
CA MET A 100 18.32 3.41 10.79
C MET A 100 19.05 3.48 9.46
N VAL A 101 20.18 2.79 9.37
CA VAL A 101 21.02 2.83 8.17
C VAL A 101 21.29 1.43 7.66
N PHE A 102 21.07 1.25 6.36
CA PHE A 102 21.47 0.02 5.67
C PHE A 102 22.72 0.32 4.85
N VAL A 103 23.80 -0.39 5.14
CA VAL A 103 25.01 -0.27 4.35
C VAL A 103 25.11 -1.52 3.50
N THR A 104 25.14 -1.33 2.18
CA THR A 104 25.19 -2.45 1.27
C THR A 104 26.44 -2.36 0.42
N SER A 105 27.05 -3.51 0.15
CA SER A 105 28.36 -3.54 -0.48
C SER A 105 28.70 -4.96 -0.92
N GLY A 106 29.51 -5.07 -1.97
CA GLY A 106 30.05 -6.35 -2.39
C GLY A 106 31.43 -6.54 -1.78
N MET A 107 31.61 -7.62 -1.03
CA MET A 107 32.90 -7.87 -0.42
C MET A 107 33.87 -8.53 -1.40
N GLY A 108 35.16 -8.24 -1.26
CA GLY A 108 36.16 -8.87 -2.09
C GLY A 108 37.06 -7.90 -2.83
N GLY A 109 36.53 -6.72 -3.14
CA GLY A 109 37.30 -5.69 -3.81
C GLY A 109 38.02 -4.82 -2.81
N GLY A 110 38.49 -3.66 -3.26
CA GLY A 110 39.23 -2.76 -2.40
C GLY A 110 38.36 -1.77 -1.66
N THR A 111 37.37 -1.20 -2.35
CA THR A 111 36.57 -0.13 -1.76
C THR A 111 35.53 -0.64 -0.76
N GLY A 112 34.68 -1.54 -1.20
CA GLY A 112 33.66 -2.12 -0.34
C GLY A 112 34.24 -2.78 0.90
N THR A 113 35.14 -3.74 0.69
CA THR A 113 35.75 -4.50 1.79
C THR A 113 36.35 -3.59 2.86
N GLY A 114 37.05 -2.56 2.42
CA GLY A 114 37.73 -1.65 3.33
C GLY A 114 36.90 -0.51 3.87
N ALA A 115 36.05 0.09 3.03
CA ALA A 115 35.31 1.28 3.44
C ALA A 115 33.94 0.99 4.07
N ALA A 116 33.27 -0.07 3.64
CA ALA A 116 31.94 -0.37 4.18
C ALA A 116 31.89 -0.57 5.70
N PRO A 117 32.84 -1.32 6.28
CA PRO A 117 32.86 -1.43 7.76
C PRO A 117 33.08 -0.08 8.45
N VAL A 118 33.87 0.79 7.85
CA VAL A 118 34.10 2.11 8.41
C VAL A 118 32.83 2.96 8.36
N VAL A 119 32.17 2.95 7.20
CA VAL A 119 30.89 3.66 7.05
C VAL A 119 29.89 3.15 8.08
N ALA A 120 29.80 1.82 8.22
CA ALA A 120 28.87 1.19 9.14
C ALA A 120 29.17 1.54 10.59
N LYS A 121 30.46 1.51 10.93
CA LYS A 121 30.88 1.79 12.28
C LYS A 121 30.55 3.24 12.66
N ILE A 122 30.80 4.16 11.73
CA ILE A 122 30.42 5.56 11.95
C ILE A 122 28.93 5.71 12.25
N ALA A 123 28.08 5.08 11.45
CA ALA A 123 26.63 5.17 11.65
C ALA A 123 26.23 4.60 13.01
N LYS A 124 26.83 3.48 13.40
CA LYS A 124 26.49 2.89 14.69
C LYS A 124 26.96 3.76 15.86
N GLU A 125 28.15 4.32 15.73
CA GLU A 125 28.69 5.20 16.77
C GLU A 125 27.85 6.48 16.89
N MET A 126 27.29 6.92 15.76
CA MET A 126 26.41 8.08 15.76
C MET A 126 25.02 7.77 16.34
N GLY A 127 24.77 6.50 16.65
CA GLY A 127 23.51 6.12 17.27
C GLY A 127 22.43 5.56 16.36
N ALA A 128 22.71 5.45 15.06
CA ALA A 128 21.76 4.84 14.14
C ALA A 128 21.71 3.33 14.30
N LEU A 129 20.52 2.75 14.18
CA LEU A 129 20.43 1.30 14.08
C LEU A 129 21.00 0.88 12.74
N THR A 130 22.06 0.07 12.75
CA THR A 130 22.87 -0.17 11.57
C THR A 130 22.82 -1.62 11.08
N VAL A 131 22.31 -1.80 9.87
CA VAL A 131 22.22 -3.12 9.26
C VAL A 131 23.13 -3.24 8.05
N GLY A 132 23.93 -4.30 8.02
CA GLY A 132 24.75 -4.56 6.86
C GLY A 132 24.17 -5.63 5.96
N VAL A 133 24.21 -5.38 4.65
CA VAL A 133 23.80 -6.38 3.67
C VAL A 133 24.90 -6.47 2.63
N VAL A 134 25.70 -7.53 2.71
CA VAL A 134 26.87 -7.64 1.86
C VAL A 134 26.88 -8.95 1.10
N THR A 135 27.60 -8.98 -0.03
CA THR A 135 27.75 -10.21 -0.78
C THR A 135 29.14 -10.80 -0.62
N ARG A 136 29.24 -12.13 -0.72
CA ARG A 136 30.51 -12.80 -0.92
C ARG A 136 30.62 -13.10 -2.40
N PRO A 137 31.84 -13.07 -2.96
CA PRO A 137 32.03 -13.26 -4.41
C PRO A 137 31.74 -14.67 -4.88
N PHE A 138 31.53 -14.83 -6.19
CA PHE A 138 31.34 -16.16 -6.78
C PHE A 138 32.63 -16.94 -6.59
N SER A 139 32.50 -18.26 -6.41
CA SER A 139 33.68 -19.12 -6.29
C SER A 139 34.61 -18.97 -7.49
N PHE A 140 34.04 -18.73 -8.66
CA PHE A 140 34.89 -18.61 -9.85
C PHE A 140 35.78 -17.36 -9.85
N GLU A 141 35.55 -16.44 -8.92
CA GLU A 141 36.37 -15.24 -8.83
C GLU A 141 37.68 -15.57 -8.13
N GLY A 142 37.77 -16.79 -7.62
CA GLY A 142 39.03 -17.27 -7.07
C GLY A 142 39.18 -17.18 -5.56
N ARG A 143 40.14 -17.96 -5.07
CA ARG A 143 40.37 -18.15 -3.64
C ARG A 143 40.81 -16.86 -2.94
N LYS A 144 41.61 -16.04 -3.62
CA LYS A 144 42.11 -14.81 -3.02
C LYS A 144 41.03 -13.75 -2.81
N ARG A 145 40.14 -13.60 -3.79
CA ARG A 145 38.99 -12.70 -3.68
C ARG A 145 38.11 -13.09 -2.50
N GLN A 146 37.84 -14.39 -2.39
CA GLN A 146 37.03 -14.97 -1.32
C GLN A 146 37.61 -14.71 0.06
N THR A 147 38.90 -14.99 0.20
CA THR A 147 39.60 -14.77 1.47
C THR A 147 39.53 -13.31 1.87
N GLN A 148 39.79 -12.45 0.90
CA GLN A 148 39.73 -11.01 1.11
C GLN A 148 38.33 -10.59 1.55
N ALA A 149 37.32 -11.18 0.91
CA ALA A 149 35.93 -10.89 1.24
C ALA A 149 35.59 -11.32 2.68
N ALA A 150 36.16 -12.44 3.11
CA ALA A 150 35.90 -12.96 4.44
C ALA A 150 36.42 -11.99 5.50
N ALA A 151 37.55 -11.35 5.20
CA ALA A 151 38.06 -10.31 6.08
C ALA A 151 37.07 -9.14 6.16
N GLY A 152 36.49 -8.79 5.01
CA GLY A 152 35.43 -7.80 4.95
C GLY A 152 34.23 -8.15 5.80
N VAL A 153 33.77 -9.39 5.66
CA VAL A 153 32.65 -9.87 6.46
C VAL A 153 32.94 -9.79 7.97
N GLU A 154 34.13 -10.22 8.40
CA GLU A 154 34.49 -10.09 9.82
C GLU A 154 34.43 -8.65 10.28
N ALA A 155 35.01 -7.74 9.49
CA ALA A 155 35.01 -6.34 9.86
C ALA A 155 33.59 -5.77 9.89
N MET A 156 32.76 -6.13 8.91
CA MET A 156 31.37 -5.68 8.89
C MET A 156 30.65 -6.13 10.15
N LYS A 157 30.84 -7.39 10.51
CA LYS A 157 30.15 -7.95 11.65
C LYS A 157 30.51 -7.23 12.95
N ALA A 158 31.73 -6.71 13.03
CA ALA A 158 32.17 -5.98 14.20
C ALA A 158 31.57 -4.57 14.23
N ALA A 159 31.12 -4.09 13.07
CA ALA A 159 30.71 -2.71 12.93
C ALA A 159 29.20 -2.48 12.86
N VAL A 160 28.42 -3.54 12.67
CA VAL A 160 26.98 -3.36 12.51
C VAL A 160 26.20 -3.86 13.70
N ASP A 161 24.91 -3.51 13.75
CA ASP A 161 24.01 -4.10 14.72
C ASP A 161 23.58 -5.50 14.29
N THR A 162 23.21 -5.64 13.02
CA THR A 162 22.90 -6.95 12.45
C THR A 162 23.49 -7.03 11.05
N LEU A 163 23.96 -8.23 10.68
CA LEU A 163 24.57 -8.42 9.39
C LEU A 163 23.81 -9.47 8.57
N ILE A 164 23.62 -9.18 7.30
CA ILE A 164 23.01 -10.14 6.38
C ILE A 164 24.00 -10.43 5.25
N VAL A 165 24.38 -11.69 5.12
CA VAL A 165 25.35 -12.07 4.10
C VAL A 165 24.69 -12.86 2.97
N ILE A 166 24.97 -12.46 1.75
CA ILE A 166 24.45 -13.12 0.56
C ILE A 166 25.60 -13.68 -0.26
N PRO A 167 25.82 -15.01 -0.21
CA PRO A 167 26.88 -15.58 -1.04
C PRO A 167 26.48 -15.56 -2.50
N ASN A 168 27.25 -14.91 -3.37
CA ASN A 168 26.88 -14.81 -4.78
C ASN A 168 26.67 -16.17 -5.46
N ASP A 169 27.36 -17.19 -4.96
CA ASP A 169 27.16 -18.56 -5.45
C ASP A 169 25.71 -19.03 -5.38
N ARG A 170 24.94 -18.53 -4.40
CA ARG A 170 23.53 -18.89 -4.28
C ARG A 170 22.71 -18.44 -5.50
N LEU A 171 23.15 -17.38 -6.17
CA LEU A 171 22.50 -16.94 -7.40
C LEU A 171 22.53 -18.02 -8.48
N LEU A 172 23.61 -18.77 -8.56
CA LEU A 172 23.74 -19.86 -9.53
C LEU A 172 22.69 -20.94 -9.32
N ASP A 173 22.14 -21.03 -8.11
CA ASP A 173 21.22 -22.10 -7.76
C ASP A 173 19.78 -21.78 -8.13
N ILE A 174 19.49 -20.51 -8.39
CA ILE A 174 18.13 -20.09 -8.70
C ILE A 174 17.91 -19.65 -10.15
N VAL A 175 18.98 -19.65 -10.94
CA VAL A 175 18.86 -19.39 -12.37
C VAL A 175 18.93 -20.69 -13.18
N ASP A 176 18.48 -20.61 -14.43
CA ASP A 176 18.75 -21.66 -15.41
C ASP A 176 19.85 -21.18 -16.36
N LYS A 177 20.19 -21.99 -17.35
CA LYS A 177 21.27 -21.67 -18.28
C LYS A 177 21.11 -20.32 -19.00
N SER A 178 19.86 -19.87 -19.14
CA SER A 178 19.59 -18.66 -19.93
C SER A 178 19.16 -17.41 -19.15
N THR A 179 18.95 -17.55 -17.85
CA THR A 179 18.52 -16.41 -17.04
C THR A 179 19.52 -15.27 -17.13
N PRO A 180 19.07 -14.10 -17.63
CA PRO A 180 19.90 -12.91 -17.75
C PRO A 180 20.53 -12.53 -16.42
N MET A 181 21.77 -12.04 -16.47
CA MET A 181 22.53 -11.73 -15.27
C MET A 181 21.88 -10.61 -14.43
N MET A 182 21.26 -9.64 -15.11
CA MET A 182 20.58 -8.55 -14.41
C MET A 182 19.41 -9.03 -13.60
N GLU A 183 18.69 -10.02 -14.13
CA GLU A 183 17.58 -10.62 -13.39
C GLU A 183 18.08 -11.32 -12.14
N ALA A 184 19.18 -12.06 -12.26
CA ALA A 184 19.78 -12.72 -11.11
C ALA A 184 20.18 -11.69 -10.06
N PHE A 185 20.81 -10.61 -10.51
CA PHE A 185 21.24 -9.55 -9.59
C PHE A 185 20.03 -8.85 -8.96
N LYS A 186 18.95 -8.72 -9.72
CA LYS A 186 17.72 -8.16 -9.17
C LYS A 186 17.14 -9.03 -8.05
N GLU A 187 17.28 -10.35 -8.19
CA GLU A 187 16.86 -11.27 -7.12
C GLU A 187 17.62 -10.97 -5.83
N ALA A 188 18.93 -10.78 -5.94
CA ALA A 188 19.74 -10.46 -4.77
C ALA A 188 19.34 -9.10 -4.17
N ASP A 189 18.91 -8.17 -5.01
CA ASP A 189 18.45 -6.85 -4.54
C ASP A 189 17.21 -6.98 -3.67
N ASN A 190 16.40 -8.00 -3.94
CA ASN A 190 15.16 -8.20 -3.19
C ASN A 190 15.41 -8.50 -1.72
N VAL A 191 16.62 -8.94 -1.38
CA VAL A 191 16.96 -9.18 0.01
C VAL A 191 16.94 -7.87 0.78
N LEU A 192 17.65 -6.88 0.25
CA LEU A 192 17.66 -5.55 0.87
C LEU A 192 16.28 -4.91 0.80
N ARG A 193 15.59 -5.14 -0.31
CA ARG A 193 14.27 -4.55 -0.51
C ARG A 193 13.26 -4.99 0.54
N GLN A 194 13.18 -6.29 0.79
CA GLN A 194 12.27 -6.82 1.80
C GLN A 194 12.59 -6.31 3.20
N GLY A 195 13.88 -6.18 3.49
CA GLY A 195 14.30 -5.59 4.75
C GLY A 195 13.82 -4.15 4.88
N VAL A 196 14.03 -3.37 3.84
CA VAL A 196 13.65 -1.96 3.89
C VAL A 196 12.13 -1.72 3.96
N GLN A 197 11.34 -2.40 3.13
CA GLN A 197 9.89 -2.20 3.20
C GLN A 197 9.27 -2.88 4.42
N GLY A 198 9.91 -3.94 4.91
CA GLY A 198 9.45 -4.61 6.12
C GLY A 198 9.49 -3.66 7.31
N ILE A 199 10.62 -2.97 7.47
CA ILE A 199 10.76 -1.98 8.53
C ILE A 199 9.76 -0.84 8.34
N SER A 200 9.78 -0.26 7.15
CA SER A 200 8.94 0.89 6.81
C SER A 200 7.48 0.67 7.14
N ASP A 201 6.99 -0.53 6.84
CA ASP A 201 5.62 -0.90 7.18
C ASP A 201 5.40 -1.11 8.68
N LEU A 202 6.32 -1.80 9.34
CA LEU A 202 6.25 -2.01 10.79
C LEU A 202 6.16 -0.70 11.57
N ILE A 203 6.80 0.34 11.03
CA ILE A 203 6.88 1.64 11.68
C ILE A 203 5.72 2.52 11.24
N ALA A 204 5.06 2.11 10.16
CA ALA A 204 3.97 2.92 9.63
C ALA A 204 2.82 2.77 10.59
N VAL A 205 1.96 3.78 10.64
CA VAL A 205 0.89 3.77 11.60
C VAL A 205 -0.23 2.88 11.10
N GLY A 206 -0.62 1.88 11.89
CA GLY A 206 0.01 1.48 13.15
C GLY A 206 0.05 -0.05 13.10
N ALA A 207 0.91 -0.70 13.86
CA ALA A 207 0.84 -2.16 13.98
C ALA A 207 0.76 -2.55 15.44
N ASN A 208 0.69 -1.54 16.29
CA ASN A 208 0.84 -1.63 17.74
C ASN A 208 2.30 -1.98 18.02
N LEU A 209 3.08 -2.04 16.93
CA LEU A 209 4.52 -2.15 16.97
C LEU A 209 5.18 -0.88 16.44
N ASP A 210 6.36 -0.60 16.95
CA ASP A 210 7.06 0.62 16.57
C ASP A 210 8.56 0.45 16.53
N PHE A 211 9.26 1.55 16.34
CA PHE A 211 10.71 1.53 16.20
C PHE A 211 11.43 1.07 17.46
N ALA A 212 10.81 1.28 18.62
CA ALA A 212 11.37 0.80 19.87
C ALA A 212 11.46 -0.72 19.87
N ASP A 213 10.42 -1.35 19.33
CA ASP A 213 10.40 -2.80 19.17
C ASP A 213 11.52 -3.26 18.24
N VAL A 214 11.65 -2.56 17.11
CA VAL A 214 12.72 -2.86 16.13
C VAL A 214 14.09 -2.83 16.82
N LYS A 215 14.30 -1.78 17.60
CA LYS A 215 15.59 -1.59 18.27
C LYS A 215 15.88 -2.72 19.25
N THR A 216 14.85 -3.13 20.00
CA THR A 216 15.01 -4.23 20.96
C THR A 216 15.38 -5.54 20.28
N ILE A 217 14.75 -5.82 19.15
CA ILE A 217 15.03 -7.06 18.44
C ILE A 217 16.34 -7.03 17.65
N MET A 218 16.71 -5.87 17.12
CA MET A 218 17.86 -5.81 16.19
C MET A 218 19.16 -5.30 16.79
N SER A 219 19.08 -4.48 17.84
CA SER A 219 20.28 -3.84 18.40
C SER A 219 21.29 -4.87 18.93
N ASN A 220 22.52 -4.84 18.38
CA ASN A 220 23.60 -5.76 18.74
C ASN A 220 23.26 -7.25 18.68
N GLN A 221 22.56 -7.67 17.65
CA GLN A 221 22.08 -9.06 17.60
C GLN A 221 22.79 -10.01 16.65
N GLY A 222 23.92 -9.59 16.08
CA GLY A 222 24.68 -10.47 15.20
C GLY A 222 24.13 -10.60 13.79
N SER A 223 23.32 -11.63 13.55
CA SER A 223 22.79 -11.87 12.21
C SER A 223 21.30 -11.65 12.16
N ALA A 224 20.77 -11.43 10.97
CA ALA A 224 19.36 -11.12 10.82
C ALA A 224 18.76 -11.70 9.57
N LEU A 225 17.47 -12.03 9.64
CA LEU A 225 16.68 -12.36 8.47
C LEU A 225 15.49 -11.40 8.48
N MET A 226 15.19 -10.82 7.33
CA MET A 226 14.07 -9.89 7.20
C MET A 226 13.22 -10.28 6.00
N GLY A 227 12.04 -10.84 6.24
CA GLY A 227 11.27 -11.39 5.14
C GLY A 227 9.83 -10.94 5.12
N ILE A 228 9.22 -11.02 3.93
CA ILE A 228 7.82 -10.71 3.76
C ILE A 228 7.20 -11.81 2.90
N GLY A 229 6.10 -12.37 3.39
CA GLY A 229 5.39 -13.38 2.64
C GLY A 229 3.98 -12.92 2.38
N VAL A 230 3.50 -13.17 1.16
CA VAL A 230 2.15 -12.81 0.78
C VAL A 230 1.46 -14.05 0.22
N SER A 231 0.25 -14.32 0.67
CA SER A 231 -0.49 -15.48 0.19
C SER A 231 -2.00 -15.34 0.31
N SER A 232 -2.73 -16.32 -0.21
CA SER A 232 -4.19 -16.35 -0.12
C SER A 232 -4.70 -17.80 -0.18
N GLY A 233 -6.00 -17.98 -0.05
CA GLY A 233 -6.60 -19.30 -0.01
C GLY A 233 -6.64 -19.83 1.42
N GLU A 234 -7.01 -21.10 1.60
CA GLU A 234 -7.24 -21.64 2.94
C GLU A 234 -5.99 -21.74 3.79
N ASN A 235 -4.87 -22.12 3.18
CA ASN A 235 -3.63 -22.27 3.92
C ASN A 235 -2.83 -20.95 3.94
N ARG A 236 -3.51 -19.83 3.72
CA ARG A 236 -2.85 -18.54 3.47
C ARG A 236 -1.86 -18.09 4.54
N ALA A 237 -2.23 -18.30 5.81
CA ALA A 237 -1.42 -17.82 6.91
C ALA A 237 -0.10 -18.57 7.00
N VAL A 238 -0.18 -19.90 6.96
CA VAL A 238 1.01 -20.75 6.97
C VAL A 238 1.88 -20.50 5.73
N GLU A 239 1.24 -20.37 4.58
CA GLU A 239 1.97 -20.16 3.33
C GLU A 239 2.73 -18.83 3.33
N ALA A 240 2.06 -17.77 3.74
CA ALA A 240 2.70 -16.45 3.86
C ALA A 240 3.86 -16.48 4.83
N ALA A 241 3.67 -17.13 5.98
CA ALA A 241 4.72 -17.19 6.99
C ALA A 241 5.94 -17.94 6.49
N LYS A 242 5.72 -19.10 5.88
CA LYS A 242 6.81 -19.92 5.31
C LYS A 242 7.58 -19.15 4.23
N LYS A 243 6.85 -18.38 3.43
CA LYS A 243 7.49 -17.53 2.43
C LYS A 243 8.39 -16.49 3.10
N ALA A 244 7.89 -15.91 4.19
CA ALA A 244 8.59 -14.83 4.86
C ALA A 244 9.88 -15.26 5.51
N ILE A 245 9.92 -16.49 6.02
CA ILE A 245 11.12 -16.95 6.71
C ILE A 245 12.04 -17.77 5.82
N SER A 246 11.72 -17.85 4.53
CA SER A 246 12.56 -18.58 3.59
C SER A 246 13.19 -17.68 2.53
N SER A 247 14.51 -17.80 2.40
CA SER A 247 15.20 -17.31 1.21
C SER A 247 16.41 -18.18 0.99
N PRO A 248 16.56 -18.70 -0.23
CA PRO A 248 17.69 -19.52 -0.63
C PRO A 248 18.98 -18.71 -0.81
N LEU A 249 18.88 -17.38 -0.76
CA LEU A 249 20.04 -16.53 -0.99
C LEU A 249 20.80 -16.21 0.29
N LEU A 250 20.23 -16.59 1.43
CA LEU A 250 20.83 -16.20 2.70
C LEU A 250 21.78 -17.24 3.26
N GLU A 251 22.81 -16.76 3.95
CA GLU A 251 23.79 -17.61 4.60
C GLU A 251 23.21 -18.09 5.93
N THR A 252 22.27 -17.32 6.47
CA THR A 252 21.69 -17.59 7.78
C THR A 252 20.23 -18.06 7.70
N SER A 253 19.99 -19.27 8.19
CA SER A 253 18.64 -19.78 8.41
C SER A 253 17.96 -19.12 9.63
N ILE A 254 16.68 -19.36 9.80
CA ILE A 254 15.90 -18.82 10.92
C ILE A 254 16.02 -19.70 12.18
N VAL A 255 16.39 -20.95 12.00
CA VAL A 255 16.47 -21.90 13.12
C VAL A 255 17.36 -21.37 14.25
N GLY A 256 16.82 -21.36 15.47
CA GLY A 256 17.58 -20.92 16.63
C GLY A 256 17.56 -19.43 16.92
N ALA A 257 16.74 -18.67 16.18
CA ALA A 257 16.62 -17.24 16.40
C ALA A 257 16.32 -16.91 17.85
N GLN A 258 16.94 -15.86 18.36
CA GLN A 258 16.78 -15.51 19.77
C GLN A 258 15.88 -14.28 19.88
N GLY A 259 15.59 -13.68 18.74
CA GLY A 259 14.74 -12.52 18.69
C GLY A 259 13.87 -12.55 17.45
N VAL A 260 12.58 -12.30 17.63
CA VAL A 260 11.65 -12.25 16.51
C VAL A 260 10.69 -11.07 16.62
N LEU A 261 10.67 -10.25 15.58
CA LEU A 261 9.62 -9.26 15.45
C LEU A 261 8.72 -9.78 14.33
N MET A 262 7.43 -9.92 14.61
CA MET A 262 6.53 -10.51 13.64
C MET A 262 5.22 -9.74 13.53
N ASN A 263 4.82 -9.42 12.31
CA ASN A 263 3.53 -8.77 12.07
C ASN A 263 2.71 -9.51 11.03
N ILE A 264 1.41 -9.61 11.28
CA ILE A 264 0.50 -10.24 10.33
C ILE A 264 -0.58 -9.24 9.96
N THR A 265 -0.73 -8.98 8.67
CA THR A 265 -1.72 -8.04 8.19
C THR A 265 -2.73 -8.77 7.31
N GLY A 266 -4.01 -8.54 7.53
CA GLY A 266 -5.04 -9.15 6.72
C GLY A 266 -6.25 -8.24 6.67
N GLY A 267 -7.26 -8.66 5.92
CA GLY A 267 -8.53 -7.96 5.93
C GLY A 267 -9.36 -8.35 7.13
N GLU A 268 -10.63 -7.99 7.10
CA GLU A 268 -11.54 -8.28 8.20
C GLU A 268 -11.70 -9.78 8.45
N SER A 269 -11.39 -10.60 7.44
CA SER A 269 -11.51 -12.05 7.56
C SER A 269 -10.38 -12.67 8.38
N LEU A 270 -9.39 -11.87 8.76
CA LEU A 270 -8.26 -12.39 9.52
C LEU A 270 -8.72 -13.03 10.82
N SER A 271 -8.48 -14.33 10.94
CA SER A 271 -8.96 -15.07 12.09
C SER A 271 -7.87 -15.25 13.13
N LEU A 272 -8.28 -15.44 14.37
CA LEU A 272 -7.33 -15.68 15.46
C LEU A 272 -6.52 -16.95 15.21
N PHE A 273 -7.19 -17.97 14.67
CA PHE A 273 -6.54 -19.23 14.38
C PHE A 273 -5.43 -19.10 13.33
N GLU A 274 -5.65 -18.27 12.32
CA GLU A 274 -4.63 -17.99 11.31
C GLU A 274 -3.37 -17.36 11.92
N ALA A 275 -3.59 -16.38 12.78
CA ALA A 275 -2.48 -15.70 13.45
C ALA A 275 -1.67 -16.70 14.24
N GLN A 276 -2.37 -17.56 14.99
CA GLN A 276 -1.71 -18.62 15.75
C GLN A 276 -0.91 -19.57 14.86
N GLU A 277 -1.49 -19.96 13.73
CA GLU A 277 -0.82 -20.86 12.78
C GLU A 277 0.49 -20.28 12.28
N ALA A 278 0.44 -19.01 11.87
CA ALA A 278 1.62 -18.35 11.36
C ALA A 278 2.67 -18.21 12.45
N ALA A 279 2.23 -17.79 13.64
CA ALA A 279 3.12 -17.59 14.77
C ALA A 279 3.77 -18.90 15.20
N ASP A 280 3.02 -20.00 15.11
CA ASP A 280 3.55 -21.31 15.49
C ASP A 280 4.62 -21.80 14.51
N ILE A 281 4.43 -21.49 13.23
CA ILE A 281 5.45 -21.77 12.21
C ILE A 281 6.79 -21.16 12.63
N VAL A 282 6.78 -19.86 12.91
CA VAL A 282 8.01 -19.14 13.31
C VAL A 282 8.52 -19.62 14.68
N GLN A 283 7.63 -19.77 15.64
CA GLN A 283 8.01 -20.19 16.98
C GLN A 283 8.70 -21.54 17.05
N ASP A 284 8.32 -22.48 16.18
CA ASP A 284 8.96 -23.80 16.20
C ASP A 284 10.45 -23.70 15.86
N ALA A 285 10.75 -22.94 14.81
CA ALA A 285 12.13 -22.70 14.38
C ALA A 285 12.94 -21.93 15.43
N ALA A 286 12.29 -21.04 16.17
CA ALA A 286 12.99 -20.20 17.15
C ALA A 286 13.40 -20.95 18.41
N ASP A 287 14.46 -20.44 19.03
CA ASP A 287 14.96 -20.95 20.31
C ASP A 287 13.89 -20.86 21.40
N GLU A 288 13.94 -21.81 22.33
CA GLU A 288 12.97 -21.91 23.43
C GLU A 288 12.77 -20.59 24.16
N ASP A 289 13.86 -19.86 24.39
CA ASP A 289 13.81 -18.60 25.13
C ASP A 289 13.70 -17.38 24.22
N VAL A 290 13.05 -17.55 23.08
CA VAL A 290 12.93 -16.46 22.10
C VAL A 290 12.20 -15.24 22.65
N ASN A 291 12.75 -14.05 22.38
CA ASN A 291 12.04 -12.82 22.64
C ASN A 291 11.21 -12.49 21.40
N MET A 292 9.92 -12.84 21.45
CA MET A 292 9.04 -12.62 20.31
C MET A 292 8.09 -11.47 20.58
N ILE A 293 8.11 -10.49 19.68
CA ILE A 293 7.18 -9.39 19.73
C ILE A 293 6.24 -9.53 18.53
N PHE A 294 4.97 -9.80 18.80
CA PHE A 294 4.02 -10.17 17.75
C PHE A 294 2.92 -9.12 17.56
N GLY A 295 2.71 -8.70 16.31
CA GLY A 295 1.69 -7.70 16.03
C GLY A 295 0.69 -8.13 14.97
N THR A 296 -0.52 -7.56 15.04
CA THR A 296 -1.53 -7.78 14.01
C THR A 296 -2.14 -6.47 13.54
N VAL A 297 -2.41 -6.38 12.23
CA VAL A 297 -3.00 -5.20 11.64
C VAL A 297 -4.19 -5.63 10.78
N ILE A 298 -5.34 -5.00 11.00
CA ILE A 298 -6.47 -5.20 10.11
C ILE A 298 -6.44 -4.10 9.05
N ASN A 299 -6.36 -4.50 7.79
CA ASN A 299 -6.42 -3.56 6.67
C ASN A 299 -7.39 -4.07 5.62
N PRO A 300 -8.60 -3.51 5.58
CA PRO A 300 -9.69 -3.96 4.70
C PRO A 300 -9.29 -3.99 3.22
N GLU A 301 -8.35 -3.13 2.85
CA GLU A 301 -7.84 -3.07 1.49
C GLU A 301 -7.31 -4.39 0.95
N LEU A 302 -6.77 -5.24 1.82
CA LEU A 302 -6.12 -6.48 1.40
C LEU A 302 -7.05 -7.58 0.89
N GLN A 303 -8.35 -7.35 1.06
CA GLN A 303 -9.38 -8.31 0.66
C GLN A 303 -9.15 -9.72 1.19
N ASP A 304 -8.78 -10.65 0.32
CA ASP A 304 -8.55 -12.03 0.76
C ASP A 304 -7.06 -12.33 1.02
N GLU A 305 -6.21 -11.33 0.84
CA GLU A 305 -4.77 -11.51 1.00
C GLU A 305 -4.34 -11.43 2.46
N ILE A 306 -3.29 -12.19 2.78
CA ILE A 306 -2.63 -12.09 4.07
C ILE A 306 -1.16 -11.70 3.85
N VAL A 307 -0.66 -10.76 4.65
CA VAL A 307 0.75 -10.37 4.62
C VAL A 307 1.45 -10.68 5.93
N VAL A 308 2.52 -11.46 5.88
CA VAL A 308 3.30 -11.79 7.08
C VAL A 308 4.71 -11.21 6.96
N THR A 309 5.07 -10.37 7.91
CA THR A 309 6.42 -9.80 7.97
C THR A 309 7.17 -10.44 9.14
N VAL A 310 8.39 -10.88 8.89
CA VAL A 310 9.22 -11.48 9.94
C VAL A 310 10.62 -10.88 9.96
N ILE A 311 11.02 -10.37 11.10
CA ILE A 311 12.42 -10.02 11.33
C ILE A 311 12.93 -10.91 12.45
N ALA A 312 13.93 -11.73 12.14
CA ALA A 312 14.51 -12.65 13.12
C ALA A 312 15.99 -12.34 13.31
N THR A 313 16.45 -12.41 14.55
CA THR A 313 17.86 -12.12 14.83
C THR A 313 18.44 -13.12 15.82
N GLY A 314 19.77 -13.10 15.96
CA GLY A 314 20.42 -13.94 16.95
C GLY A 314 20.67 -15.36 16.47
N ALA B 14 -5.30 16.15 -5.94
CA ALA B 14 -6.73 15.94 -6.06
C ALA B 14 -7.39 15.66 -4.71
N THR B 15 -8.29 16.56 -4.31
CA THR B 15 -8.97 16.45 -3.02
C THR B 15 -10.27 15.66 -3.17
N LEU B 16 -10.43 14.64 -2.33
CA LEU B 16 -11.63 13.82 -2.32
C LEU B 16 -12.43 14.12 -1.07
N LYS B 17 -13.74 14.30 -1.21
CA LYS B 17 -14.60 14.47 -0.05
C LYS B 17 -15.76 13.48 -0.06
N VAL B 18 -16.10 12.99 1.12
CA VAL B 18 -17.24 12.08 1.29
C VAL B 18 -18.27 12.76 2.16
N ILE B 19 -19.48 12.87 1.62
CA ILE B 19 -20.55 13.58 2.29
C ILE B 19 -21.70 12.64 2.59
N GLY B 20 -21.98 12.45 3.87
CA GLY B 20 -23.11 11.65 4.31
C GLY B 20 -24.30 12.54 4.62
N VAL B 21 -25.45 12.22 4.04
CA VAL B 21 -26.64 13.05 4.19
C VAL B 21 -27.78 12.26 4.79
N GLY B 22 -28.29 12.71 5.94
CA GLY B 22 -29.35 11.99 6.62
C GLY B 22 -28.80 10.88 7.50
N GLY B 23 -29.68 10.16 8.18
CA GLY B 23 -29.29 9.18 9.18
C GLY B 23 -28.38 8.07 8.66
N GLY B 24 -28.84 7.39 7.61
CA GLY B 24 -28.06 6.35 6.97
C GLY B 24 -26.72 6.86 6.47
N GLY B 25 -26.72 8.05 5.88
CA GLY B 25 -25.51 8.69 5.40
C GLY B 25 -24.52 8.97 6.53
N ASN B 26 -25.01 9.56 7.61
CA ASN B 26 -24.17 9.85 8.76
C ASN B 26 -23.59 8.58 9.39
N ASN B 27 -24.42 7.54 9.47
CA ASN B 27 -23.99 6.25 9.99
C ASN B 27 -22.87 5.63 9.18
N ALA B 28 -23.03 5.64 7.86
CA ALA B 28 -21.99 5.15 6.96
C ALA B 28 -20.68 5.93 7.16
N VAL B 29 -20.78 7.25 7.25
CA VAL B 29 -19.61 8.07 7.54
C VAL B 29 -18.93 7.68 8.86
N ASN B 30 -19.73 7.50 9.91
CA ASN B 30 -19.18 7.08 11.21
C ASN B 30 -18.45 5.72 11.14
N ARG B 31 -19.08 4.74 10.51
CA ARG B 31 -18.49 3.42 10.31
C ARG B 31 -17.18 3.47 9.53
N MET B 32 -17.14 4.31 8.50
CA MET B 32 -15.95 4.44 7.66
C MET B 32 -14.78 5.11 8.40
N ILE B 33 -15.11 6.14 9.17
CA ILE B 33 -14.13 6.84 10.00
C ILE B 33 -13.60 5.90 11.09
N ASP B 34 -14.51 5.15 11.69
CA ASP B 34 -14.18 4.19 12.74
C ASP B 34 -13.25 3.12 12.19
N HIS B 35 -13.53 2.66 10.96
CA HIS B 35 -12.73 1.62 10.33
C HIS B 35 -11.61 2.22 9.46
N GLY B 36 -11.27 3.48 9.73
CA GLY B 36 -10.05 4.08 9.22
C GLY B 36 -9.88 4.35 7.74
N MET B 37 -10.79 5.12 7.14
CA MET B 37 -10.50 5.71 5.82
C MET B 37 -9.53 6.88 5.96
N ASN B 38 -8.65 7.02 4.97
CA ASN B 38 -7.65 8.08 4.98
C ASN B 38 -7.57 8.79 3.63
N ASN B 39 -7.05 10.02 3.65
CA ASN B 39 -6.99 10.86 2.46
C ASN B 39 -8.36 11.17 1.87
N VAL B 40 -9.34 11.23 2.76
CA VAL B 40 -10.68 11.69 2.45
C VAL B 40 -11.15 12.63 3.54
N GLU B 41 -11.68 13.78 3.15
CA GLU B 41 -12.31 14.69 4.11
C GLU B 41 -13.79 14.31 4.23
N PHE B 42 -14.26 14.13 5.46
CA PHE B 42 -15.64 13.71 5.70
C PHE B 42 -16.54 14.87 6.13
N ILE B 43 -17.72 14.93 5.53
CA ILE B 43 -18.70 15.94 5.89
C ILE B 43 -20.01 15.23 6.22
N ALA B 44 -20.57 15.55 7.38
CA ALA B 44 -21.87 15.00 7.79
C ALA B 44 -22.94 16.09 7.73
N ILE B 45 -24.05 15.78 7.05
CA ILE B 45 -25.15 16.73 6.91
C ILE B 45 -26.43 16.08 7.40
N ASN B 46 -27.18 16.80 8.23
CA ASN B 46 -28.45 16.30 8.72
C ASN B 46 -29.36 17.40 9.25
N THR B 47 -30.65 17.12 9.28
CA THR B 47 -31.60 17.95 9.98
C THR B 47 -31.56 17.59 11.46
N ASP B 48 -31.32 16.32 11.74
CA ASP B 48 -31.36 15.80 13.10
C ASP B 48 -30.13 16.24 13.90
N GLY B 49 -30.33 17.17 14.80
CA GLY B 49 -29.23 17.71 15.61
C GLY B 49 -28.51 16.66 16.43
N GLN B 50 -29.27 15.73 17.01
CA GLN B 50 -28.70 14.70 17.85
C GLN B 50 -27.80 13.71 17.08
N ALA B 51 -28.28 13.24 15.93
CA ALA B 51 -27.44 12.44 15.04
C ALA B 51 -26.11 13.15 14.77
N LEU B 52 -26.20 14.43 14.44
CA LEU B 52 -25.02 15.23 14.13
C LEU B 52 -24.02 15.29 15.29
N ASN B 53 -24.53 15.41 16.52
CA ASN B 53 -23.67 15.43 17.70
C ASN B 53 -22.88 14.13 17.86
N LEU B 54 -23.46 13.02 17.41
CA LEU B 54 -22.80 11.72 17.49
C LEU B 54 -21.87 11.46 16.31
N SER B 55 -21.80 12.39 15.36
CA SER B 55 -20.97 12.19 14.18
C SER B 55 -19.49 12.40 14.47
N LYS B 56 -18.66 11.54 13.89
CA LYS B 56 -17.22 11.65 14.03
C LYS B 56 -16.61 12.52 12.93
N ALA B 57 -17.46 13.03 12.05
CA ALA B 57 -16.99 13.82 10.92
C ALA B 57 -16.36 15.13 11.38
N GLU B 58 -15.29 15.53 10.68
CA GLU B 58 -14.59 16.78 10.96
C GLU B 58 -15.50 17.98 10.71
N SER B 59 -16.28 17.92 9.64
CA SER B 59 -17.18 19.00 9.27
C SER B 59 -18.63 18.55 9.39
N LYS B 60 -19.43 19.30 10.12
CA LYS B 60 -20.84 18.97 10.30
C LYS B 60 -21.73 20.15 9.90
N ILE B 61 -22.83 19.85 9.21
CA ILE B 61 -23.78 20.89 8.83
C ILE B 61 -25.18 20.51 9.22
N GLN B 62 -25.77 21.28 10.13
CA GLN B 62 -27.18 21.12 10.45
C GLN B 62 -28.00 21.99 9.52
N ILE B 63 -28.97 21.37 8.86
CA ILE B 63 -29.82 22.10 7.93
C ILE B 63 -31.26 22.11 8.44
N GLY B 64 -32.01 23.14 8.06
CA GLY B 64 -33.42 23.22 8.34
C GLY B 64 -33.84 23.35 9.79
N GLU B 65 -33.00 23.99 10.60
CA GLU B 65 -33.30 24.20 12.01
C GLU B 65 -34.66 24.88 12.20
N LYS B 66 -34.91 25.95 11.45
CA LYS B 66 -36.19 26.65 11.58
C LYS B 66 -37.37 25.83 11.06
N LEU B 67 -37.09 24.84 10.23
CA LEU B 67 -38.13 23.95 9.72
C LEU B 67 -38.47 22.85 10.71
N THR B 68 -37.45 22.26 11.32
CA THR B 68 -37.59 21.02 12.07
C THR B 68 -37.32 21.21 13.56
N ARG B 69 -36.73 22.35 13.91
CA ARG B 69 -36.32 22.65 15.28
C ARG B 69 -35.27 21.64 15.79
N GLY B 70 -34.42 21.17 14.87
CA GLY B 70 -33.32 20.28 15.23
C GLY B 70 -33.71 18.81 15.27
N LEU B 71 -34.97 18.52 14.95
CA LEU B 71 -35.42 17.13 14.78
C LEU B 71 -35.13 16.69 13.34
N GLY B 72 -35.44 15.44 13.04
CA GLY B 72 -35.36 14.95 11.67
C GLY B 72 -36.51 15.46 10.82
N ALA B 73 -36.61 14.97 9.59
CA ALA B 73 -37.64 15.45 8.67
C ALA B 73 -38.96 14.68 8.81
N GLY B 74 -38.99 13.70 9.71
CA GLY B 74 -40.18 12.88 9.89
C GLY B 74 -40.66 12.24 8.60
N ALA B 75 -39.71 11.76 7.81
CA ALA B 75 -39.97 11.08 6.52
C ALA B 75 -40.62 11.96 5.44
N ASN B 76 -40.50 13.29 5.58
CA ASN B 76 -41.03 14.24 4.59
C ASN B 76 -39.90 14.84 3.72
N PRO B 77 -39.78 14.38 2.47
CA PRO B 77 -38.72 14.80 1.54
C PRO B 77 -38.72 16.30 1.22
N GLU B 78 -39.89 16.95 1.26
CA GLU B 78 -39.97 18.41 1.09
C GLU B 78 -39.14 19.15 2.11
N ILE B 79 -39.14 18.63 3.34
CA ILE B 79 -38.39 19.27 4.39
C ILE B 79 -36.90 19.22 4.11
N GLY B 80 -36.40 18.02 3.80
CA GLY B 80 -35.00 17.84 3.47
C GLY B 80 -34.56 18.70 2.31
N LYS B 81 -35.36 18.72 1.25
CA LYS B 81 -35.06 19.52 0.06
C LYS B 81 -34.99 21.00 0.39
N LYS B 82 -36.04 21.52 1.03
CA LYS B 82 -36.07 22.93 1.44
C LYS B 82 -34.94 23.27 2.42
N ALA B 83 -34.67 22.34 3.34
CA ALA B 83 -33.61 22.52 4.32
C ALA B 83 -32.27 22.69 3.64
N ALA B 84 -31.98 21.82 2.68
CA ALA B 84 -30.72 21.88 1.95
C ALA B 84 -30.61 23.18 1.16
N GLU B 85 -31.67 23.55 0.45
CA GLU B 85 -31.65 24.74 -0.38
C GLU B 85 -31.37 26.00 0.45
N GLU B 86 -31.96 26.06 1.64
CA GLU B 86 -31.77 27.20 2.52
C GLU B 86 -30.35 27.24 3.12
N SER B 87 -29.67 26.10 3.16
CA SER B 87 -28.30 26.09 3.67
C SER B 87 -27.27 25.96 2.54
N ARG B 88 -27.67 26.33 1.34
CA ARG B 88 -26.82 26.17 0.16
C ARG B 88 -25.42 26.76 0.38
N GLU B 89 -25.37 27.95 0.98
CA GLU B 89 -24.08 28.62 1.20
C GLU B 89 -23.13 27.85 2.14
N GLN B 90 -23.63 27.33 3.25
CA GLN B 90 -22.79 26.53 4.14
C GLN B 90 -22.29 25.28 3.44
N ILE B 91 -23.15 24.68 2.63
CA ILE B 91 -22.82 23.45 1.91
C ILE B 91 -21.73 23.73 0.87
N GLU B 92 -21.88 24.83 0.12
CA GLU B 92 -20.86 25.28 -0.82
C GLU B 92 -19.50 25.48 -0.13
N ASP B 93 -19.51 26.10 1.04
CA ASP B 93 -18.27 26.39 1.76
C ASP B 93 -17.56 25.12 2.24
N ALA B 94 -18.33 24.12 2.65
CA ALA B 94 -17.75 22.85 3.06
C ALA B 94 -17.14 22.12 1.86
N ILE B 95 -17.79 22.23 0.71
CA ILE B 95 -17.39 21.55 -0.51
C ILE B 95 -16.12 22.18 -1.13
N GLN B 96 -16.01 23.51 -1.06
CA GLN B 96 -14.94 24.22 -1.78
C GLN B 96 -13.55 23.61 -1.66
N GLY B 97 -12.89 23.43 -2.80
CA GLY B 97 -11.59 22.81 -2.82
C GLY B 97 -11.65 21.36 -3.28
N ALA B 98 -12.84 20.78 -3.30
CA ALA B 98 -12.98 19.39 -3.71
C ALA B 98 -12.82 19.21 -5.21
N ASP B 99 -12.03 18.24 -5.62
CA ASP B 99 -11.94 17.86 -7.03
C ASP B 99 -12.98 16.79 -7.31
N MET B 100 -13.32 16.01 -6.29
CA MET B 100 -14.25 14.92 -6.44
C MET B 100 -15.04 14.73 -5.15
N VAL B 101 -16.35 14.54 -5.30
CA VAL B 101 -17.25 14.41 -4.17
C VAL B 101 -18.07 13.13 -4.27
N PHE B 102 -18.08 12.35 -3.19
CA PHE B 102 -18.97 11.21 -3.07
C PHE B 102 -20.08 11.60 -2.11
N VAL B 103 -21.32 11.58 -2.58
CA VAL B 103 -22.46 11.88 -1.72
C VAL B 103 -23.15 10.58 -1.40
N THR B 104 -23.23 10.24 -0.12
CA THR B 104 -23.81 8.97 0.26
C THR B 104 -25.01 9.19 1.17
N SER B 105 -26.04 8.38 0.95
CA SER B 105 -27.30 8.61 1.62
C SER B 105 -28.22 7.42 1.45
N GLY B 106 -29.10 7.21 2.44
CA GLY B 106 -30.14 6.21 2.32
C GLY B 106 -31.41 6.84 1.82
N MET B 107 -31.94 6.34 0.70
CA MET B 107 -33.17 6.87 0.14
C MET B 107 -34.39 6.28 0.88
N GLY B 108 -35.46 7.06 0.98
CA GLY B 108 -36.71 6.58 1.56
C GLY B 108 -37.21 7.45 2.71
N GLY B 109 -36.27 8.09 3.42
CA GLY B 109 -36.63 8.97 4.51
C GLY B 109 -36.83 10.38 3.99
N GLY B 110 -36.87 11.36 4.88
CA GLY B 110 -37.10 12.73 4.50
C GLY B 110 -35.83 13.50 4.19
N THR B 111 -34.78 13.31 4.98
CA THR B 111 -33.58 14.12 4.82
C THR B 111 -32.75 13.64 3.63
N GLY B 112 -32.41 12.35 3.62
CA GLY B 112 -31.65 11.78 2.54
C GLY B 112 -32.34 12.00 1.20
N THR B 113 -33.58 11.53 1.08
CA THR B 113 -34.35 11.64 -0.15
C THR B 113 -34.44 13.07 -0.68
N GLY B 114 -34.71 14.00 0.22
CA GLY B 114 -34.90 15.39 -0.17
C GLY B 114 -33.62 16.19 -0.29
N ALA B 115 -32.69 16.00 0.64
CA ALA B 115 -31.49 16.84 0.67
C ALA B 115 -30.31 16.34 -0.15
N ALA B 116 -30.16 15.01 -0.28
CA ALA B 116 -29.01 14.47 -1.01
C ALA B 116 -28.89 14.92 -2.48
N PRO B 117 -30.02 14.93 -3.22
CA PRO B 117 -29.91 15.47 -4.59
C PRO B 117 -29.49 16.93 -4.62
N VAL B 118 -29.94 17.73 -3.66
CA VAL B 118 -29.55 19.13 -3.60
C VAL B 118 -28.05 19.27 -3.31
N VAL B 119 -27.56 18.52 -2.34
CA VAL B 119 -26.13 18.51 -2.02
C VAL B 119 -25.32 18.11 -3.27
N ALA B 120 -25.76 17.07 -3.97
CA ALA B 120 -25.02 16.61 -5.16
C ALA B 120 -25.01 17.67 -6.24
N LYS B 121 -26.14 18.33 -6.45
CA LYS B 121 -26.24 19.39 -7.46
C LYS B 121 -25.28 20.53 -7.16
N ILE B 122 -25.24 20.94 -5.90
CA ILE B 122 -24.30 21.96 -5.47
C ILE B 122 -22.86 21.59 -5.79
N ALA B 123 -22.46 20.37 -5.44
CA ALA B 123 -21.10 19.93 -5.72
C ALA B 123 -20.82 19.93 -7.22
N LYS B 124 -21.77 19.45 -8.01
CA LYS B 124 -21.59 19.38 -9.46
C LYS B 124 -21.51 20.78 -10.05
N GLU B 125 -22.35 21.67 -9.55
CA GLU B 125 -22.36 23.07 -10.00
C GLU B 125 -21.05 23.77 -9.66
N MET B 126 -20.44 23.37 -8.56
CA MET B 126 -19.14 23.92 -8.16
C MET B 126 -17.98 23.35 -8.96
N GLY B 127 -18.26 22.39 -9.83
CA GLY B 127 -17.23 21.85 -10.70
C GLY B 127 -16.56 20.57 -10.22
N ALA B 128 -16.99 20.07 -9.06
CA ALA B 128 -16.47 18.80 -8.58
C ALA B 128 -17.04 17.66 -9.39
N LEU B 129 -16.22 16.65 -9.66
CA LEU B 129 -16.74 15.40 -10.22
C LEU B 129 -17.58 14.75 -9.13
N THR B 130 -18.86 14.54 -9.39
CA THR B 130 -19.79 14.17 -8.32
C THR B 130 -20.36 12.77 -8.50
N VAL B 131 -20.08 11.91 -7.54
CA VAL B 131 -20.59 10.55 -7.59
C VAL B 131 -21.57 10.32 -6.45
N GLY B 132 -22.74 9.76 -6.76
CA GLY B 132 -23.71 9.43 -5.72
C GLY B 132 -23.66 7.95 -5.41
N VAL B 133 -23.71 7.62 -4.12
CA VAL B 133 -23.77 6.23 -3.70
C VAL B 133 -24.93 6.10 -2.73
N VAL B 134 -26.05 5.56 -3.18
CA VAL B 134 -27.23 5.56 -2.34
C VAL B 134 -27.82 4.17 -2.19
N THR B 135 -28.61 3.99 -1.13
CA THR B 135 -29.30 2.72 -0.91
C THR B 135 -30.80 2.82 -1.21
N ARG B 136 -31.42 1.72 -1.61
CA ARG B 136 -32.87 1.58 -1.60
C ARG B 136 -33.25 0.79 -0.35
N PRO B 137 -34.43 1.08 0.23
CA PRO B 137 -34.83 0.44 1.49
C PRO B 137 -35.18 -1.04 1.31
N PHE B 138 -35.17 -1.79 2.41
CA PHE B 138 -35.57 -3.19 2.39
C PHE B 138 -37.04 -3.30 2.02
N SER B 139 -37.40 -4.41 1.35
CA SER B 139 -38.78 -4.69 1.00
C SER B 139 -39.68 -4.68 2.23
N PHE B 140 -39.13 -5.11 3.37
CA PHE B 140 -39.91 -5.12 4.60
C PHE B 140 -40.24 -3.73 5.12
N GLU B 141 -39.65 -2.70 4.53
CA GLU B 141 -39.99 -1.34 4.94
C GLU B 141 -41.27 -0.88 4.25
N GLY B 142 -41.74 -1.68 3.28
CA GLY B 142 -43.03 -1.40 2.65
C GLY B 142 -42.99 -0.64 1.34
N ARG B 143 -44.12 -0.67 0.62
CA ARG B 143 -44.23 -0.11 -0.71
C ARG B 143 -44.03 1.41 -0.73
N LYS B 144 -44.55 2.08 0.29
CA LYS B 144 -44.52 3.54 0.32
C LYS B 144 -43.10 4.08 0.51
N ARG B 145 -42.35 3.45 1.40
CA ARG B 145 -40.94 3.76 1.59
C ARG B 145 -40.16 3.56 0.29
N GLN B 146 -40.38 2.43 -0.36
CA GLN B 146 -39.69 2.10 -1.61
C GLN B 146 -39.99 3.14 -2.70
N THR B 147 -41.28 3.44 -2.88
CA THR B 147 -41.73 4.45 -3.85
C THR B 147 -41.11 5.82 -3.57
N GLN B 148 -41.10 6.24 -2.31
CA GLN B 148 -40.47 7.50 -1.94
C GLN B 148 -38.97 7.48 -2.27
N ALA B 149 -38.33 6.36 -1.99
CA ALA B 149 -36.92 6.19 -2.29
C ALA B 149 -36.62 6.27 -3.77
N ALA B 150 -37.55 5.76 -4.56
CA ALA B 150 -37.40 5.75 -6.02
C ALA B 150 -37.41 7.16 -6.58
N ALA B 151 -38.23 8.03 -5.98
CA ALA B 151 -38.22 9.43 -6.39
C ALA B 151 -36.87 10.03 -6.07
N GLY B 152 -36.32 9.68 -4.91
CA GLY B 152 -34.97 10.10 -4.53
C GLY B 152 -33.89 9.68 -5.50
N VAL B 153 -33.90 8.41 -5.89
CA VAL B 153 -32.94 7.88 -6.84
C VAL B 153 -32.99 8.61 -8.19
N GLU B 154 -34.19 8.83 -8.72
CA GLU B 154 -34.36 9.57 -9.96
C GLU B 154 -33.79 10.99 -9.82
N ALA B 155 -34.09 11.64 -8.72
CA ALA B 155 -33.59 12.99 -8.47
C ALA B 155 -32.06 13.00 -8.35
N MET B 156 -31.51 11.99 -7.66
CA MET B 156 -30.06 11.85 -7.56
C MET B 156 -29.46 11.74 -8.95
N LYS B 157 -30.05 10.91 -9.80
CA LYS B 157 -29.53 10.69 -11.15
C LYS B 157 -29.47 11.97 -11.97
N ALA B 158 -30.40 12.88 -11.69
CA ALA B 158 -30.42 14.15 -12.39
C ALA B 158 -29.33 15.08 -11.88
N ALA B 159 -28.82 14.80 -10.68
CA ALA B 159 -27.92 15.74 -9.99
C ALA B 159 -26.45 15.33 -9.95
N VAL B 160 -26.13 14.10 -10.28
CA VAL B 160 -24.75 13.63 -10.16
C VAL B 160 -24.09 13.41 -11.52
N ASP B 161 -22.78 13.20 -11.52
CA ASP B 161 -22.08 12.76 -12.72
C ASP B 161 -22.32 11.28 -12.96
N THR B 162 -22.16 10.49 -11.90
CA THR B 162 -22.47 9.07 -11.95
C THR B 162 -23.14 8.64 -10.65
N LEU B 163 -24.07 7.69 -10.76
CA LEU B 163 -24.82 7.21 -9.61
C LEU B 163 -24.55 5.73 -9.41
N ILE B 164 -24.35 5.34 -8.17
CA ILE B 164 -24.24 3.94 -7.80
C ILE B 164 -25.35 3.63 -6.79
N VAL B 165 -26.24 2.70 -7.14
CA VAL B 165 -27.37 2.35 -6.28
C VAL B 165 -27.21 0.98 -5.64
N ILE B 166 -27.43 0.90 -4.33
CA ILE B 166 -27.33 -0.34 -3.59
C ILE B 166 -28.68 -0.72 -2.98
N PRO B 167 -29.37 -1.72 -3.56
CA PRO B 167 -30.64 -2.15 -2.94
C PRO B 167 -30.36 -2.89 -1.65
N ASN B 168 -30.90 -2.43 -0.52
CA ASN B 168 -30.62 -3.07 0.77
C ASN B 168 -30.97 -4.55 0.84
N ASP B 169 -31.96 -4.96 0.07
CA ASP B 169 -32.35 -6.37 -0.04
C ASP B 169 -31.16 -7.28 -0.36
N ARG B 170 -30.20 -6.75 -1.12
CA ARG B 170 -29.01 -7.51 -1.48
C ARG B 170 -28.16 -7.88 -0.27
N LEU B 171 -28.22 -7.05 0.77
CA LEU B 171 -27.53 -7.36 2.02
C LEU B 171 -28.04 -8.67 2.63
N LEU B 172 -29.35 -8.89 2.51
CA LEU B 172 -29.98 -10.10 3.03
C LEU B 172 -29.43 -11.37 2.35
N ASP B 173 -28.89 -11.20 1.14
CA ASP B 173 -28.42 -12.32 0.35
C ASP B 173 -26.95 -12.66 0.61
N ILE B 174 -26.22 -11.76 1.26
CA ILE B 174 -24.80 -11.99 1.51
C ILE B 174 -24.52 -12.26 2.99
N VAL B 175 -25.55 -12.15 3.82
CA VAL B 175 -25.42 -12.53 5.21
C VAL B 175 -26.01 -13.91 5.40
N ASP B 176 -25.65 -14.56 6.49
CA ASP B 176 -26.39 -15.75 6.90
C ASP B 176 -27.29 -15.39 8.08
N LYS B 177 -28.08 -16.35 8.55
CA LYS B 177 -29.07 -16.10 9.58
C LYS B 177 -28.49 -15.45 10.86
N SER B 178 -27.21 -15.70 11.13
CA SER B 178 -26.60 -15.25 12.37
C SER B 178 -25.63 -14.07 12.20
N THR B 179 -25.36 -13.66 10.97
CA THR B 179 -24.46 -12.54 10.72
C THR B 179 -24.97 -11.28 11.40
N PRO B 180 -24.18 -10.72 12.34
CA PRO B 180 -24.58 -9.49 13.00
C PRO B 180 -24.86 -8.39 11.99
N MET B 181 -25.84 -7.54 12.27
CA MET B 181 -26.29 -6.52 11.32
C MET B 181 -25.19 -5.53 10.94
N MET B 182 -24.30 -5.24 11.88
CA MET B 182 -23.20 -4.33 11.63
C MET B 182 -22.24 -4.85 10.59
N GLU B 183 -22.02 -6.17 10.58
CA GLU B 183 -21.17 -6.79 9.59
C GLU B 183 -21.76 -6.59 8.20
N ALA B 184 -23.08 -6.75 8.09
CA ALA B 184 -23.78 -6.52 6.84
C ALA B 184 -23.63 -5.08 6.35
N PHE B 185 -23.85 -4.12 7.23
CA PHE B 185 -23.77 -2.70 6.88
C PHE B 185 -22.36 -2.28 6.47
N LYS B 186 -21.35 -2.89 7.10
CA LYS B 186 -19.95 -2.69 6.75
C LYS B 186 -19.64 -3.16 5.33
N GLU B 187 -20.30 -4.25 4.92
CA GLU B 187 -20.21 -4.73 3.54
C GLU B 187 -20.68 -3.68 2.55
N ALA B 188 -21.82 -3.06 2.85
CA ALA B 188 -22.35 -2.01 1.99
C ALA B 188 -21.40 -0.81 1.92
N ASP B 189 -20.73 -0.53 3.04
CA ASP B 189 -19.76 0.57 3.09
C ASP B 189 -18.60 0.29 2.16
N ASN B 190 -18.32 -0.98 1.91
CA ASN B 190 -17.22 -1.39 1.02
C ASN B 190 -17.41 -0.99 -0.45
N VAL B 191 -18.65 -0.71 -0.84
CA VAL B 191 -18.92 -0.22 -2.19
C VAL B 191 -18.30 1.16 -2.36
N LEU B 192 -18.60 2.05 -1.41
CA LEU B 192 -18.04 3.39 -1.42
C LEU B 192 -16.53 3.31 -1.21
N ARG B 193 -16.11 2.39 -0.36
CA ARG B 193 -14.69 2.23 -0.05
C ARG B 193 -13.87 1.90 -1.30
N GLN B 194 -14.32 0.91 -2.06
CA GLN B 194 -13.64 0.52 -3.28
C GLN B 194 -13.60 1.65 -4.30
N GLY B 195 -14.67 2.43 -4.36
CA GLY B 195 -14.71 3.62 -5.20
C GLY B 195 -13.64 4.61 -4.81
N VAL B 196 -13.54 4.90 -3.52
CA VAL B 196 -12.57 5.87 -3.03
C VAL B 196 -11.11 5.40 -3.19
N GLN B 197 -10.82 4.16 -2.80
CA GLN B 197 -9.46 3.65 -2.96
C GLN B 197 -9.13 3.36 -4.42
N GLY B 198 -10.14 3.06 -5.23
CA GLY B 198 -9.95 2.89 -6.65
C GLY B 198 -9.46 4.18 -7.30
N ILE B 199 -10.13 5.28 -7.00
CA ILE B 199 -9.72 6.60 -7.49
C ILE B 199 -8.37 7.02 -6.91
N SER B 200 -8.27 6.96 -5.59
CA SER B 200 -7.09 7.43 -4.87
C SER B 200 -5.79 6.85 -5.41
N ASP B 201 -5.82 5.55 -5.72
CA ASP B 201 -4.68 4.89 -6.33
C ASP B 201 -4.45 5.28 -7.79
N LEU B 202 -5.53 5.33 -8.58
CA LEU B 202 -5.45 5.67 -10.00
C LEU B 202 -4.79 7.02 -10.29
N ILE B 203 -5.03 8.00 -9.42
CA ILE B 203 -4.50 9.34 -9.63
C ILE B 203 -3.17 9.52 -8.92
N ALA B 204 -2.77 8.51 -8.16
CA ALA B 204 -1.53 8.61 -7.38
C ALA B 204 -0.29 8.51 -8.26
N VAL B 205 0.80 9.15 -7.79
CA VAL B 205 2.06 9.09 -8.51
C VAL B 205 2.78 7.80 -8.07
N GLY B 206 3.10 6.97 -9.06
CA GLY B 206 2.68 7.33 -10.38
C GLY B 206 1.97 6.24 -11.14
N ALA B 207 0.97 6.72 -11.86
CA ALA B 207 0.22 5.95 -12.80
C ALA B 207 0.16 6.80 -14.05
N ASN B 208 0.18 6.17 -15.21
CA ASN B 208 0.16 6.92 -16.44
C ASN B 208 -1.28 7.34 -16.74
N LEU B 209 -2.13 7.08 -15.75
CA LEU B 209 -3.49 7.57 -15.74
C LEU B 209 -3.54 8.68 -14.70
N ASP B 210 -4.42 9.65 -14.91
CA ASP B 210 -4.54 10.75 -13.97
C ASP B 210 -5.99 11.21 -13.89
N PHE B 211 -6.21 12.32 -13.21
CA PHE B 211 -7.56 12.78 -12.96
C PHE B 211 -8.32 13.18 -14.23
N ALA B 212 -7.59 13.58 -15.26
CA ALA B 212 -8.21 13.90 -16.54
C ALA B 212 -8.87 12.66 -17.15
N ASP B 213 -8.19 11.52 -17.06
CA ASP B 213 -8.75 10.26 -17.52
C ASP B 213 -10.04 9.95 -16.77
N VAL B 214 -10.00 10.12 -15.45
CA VAL B 214 -11.17 9.90 -14.61
C VAL B 214 -12.34 10.76 -15.09
N LYS B 215 -12.08 12.04 -15.33
CA LYS B 215 -13.14 12.97 -15.74
C LYS B 215 -13.74 12.63 -17.10
N THR B 216 -12.90 12.24 -18.06
CA THR B 216 -13.42 11.85 -19.37
C THR B 216 -14.36 10.65 -19.26
N ILE B 217 -14.00 9.69 -18.43
CA ILE B 217 -14.80 8.48 -18.27
C ILE B 217 -16.06 8.67 -17.41
N MET B 218 -15.99 9.52 -16.41
CA MET B 218 -17.10 9.60 -15.44
C MET B 218 -18.05 10.78 -15.63
N SER B 219 -17.57 11.88 -16.21
CA SER B 219 -18.39 13.10 -16.29
C SER B 219 -19.68 12.91 -17.10
N ASN B 220 -20.81 13.18 -16.46
CA ASN B 220 -22.13 13.05 -17.09
C ASN B 220 -22.41 11.69 -17.72
N GLN B 221 -22.02 10.62 -17.05
CA GLN B 221 -22.13 9.29 -17.64
C GLN B 221 -23.23 8.40 -17.07
N GLY B 222 -24.13 8.96 -16.27
CA GLY B 222 -25.24 8.20 -15.74
C GLY B 222 -24.94 7.27 -14.58
N SER B 223 -24.64 6.02 -14.91
CA SER B 223 -24.40 4.98 -13.90
C SER B 223 -22.95 4.51 -13.91
N ALA B 224 -22.51 3.94 -12.79
CA ALA B 224 -21.12 3.56 -12.64
C ALA B 224 -20.89 2.31 -11.78
N LEU B 225 -19.82 1.59 -12.10
CA LEU B 225 -19.29 0.56 -11.24
C LEU B 225 -17.85 0.94 -10.95
N MET B 226 -17.44 0.85 -9.69
CA MET B 226 -16.07 1.13 -9.33
C MET B 226 -15.56 -0.02 -8.48
N GLY B 227 -14.69 -0.85 -9.05
CA GLY B 227 -14.31 -2.06 -8.33
C GLY B 227 -12.82 -2.26 -8.26
N ILE B 228 -12.42 -3.05 -7.27
CA ILE B 228 -11.03 -3.44 -7.11
C ILE B 228 -10.96 -4.92 -6.82
N GLY B 229 -10.11 -5.61 -7.56
CA GLY B 229 -9.88 -7.02 -7.31
C GLY B 229 -8.43 -7.20 -6.97
N VAL B 230 -8.17 -8.02 -5.97
CA VAL B 230 -6.82 -8.31 -5.55
C VAL B 230 -6.71 -9.82 -5.56
N SER B 231 -5.64 -10.33 -6.18
CA SER B 231 -5.48 -11.76 -6.25
C SER B 231 -4.01 -12.14 -6.37
N SER B 232 -3.77 -13.44 -6.26
CA SER B 232 -2.43 -14.00 -6.35
C SER B 232 -2.58 -15.42 -6.83
N GLY B 233 -1.48 -16.13 -7.04
CA GLY B 233 -1.60 -17.48 -7.56
C GLY B 233 -1.62 -17.53 -9.07
N GLU B 234 -1.96 -18.70 -9.60
CA GLU B 234 -1.75 -19.00 -11.01
C GLU B 234 -2.59 -18.16 -11.98
N ASN B 235 -3.89 -18.08 -11.71
CA ASN B 235 -4.81 -17.34 -12.56
C ASN B 235 -5.08 -15.92 -12.05
N ARG B 236 -4.11 -15.36 -11.33
CA ARG B 236 -4.29 -14.14 -10.58
C ARG B 236 -4.87 -12.97 -11.38
N ALA B 237 -4.46 -12.81 -12.64
CA ALA B 237 -4.89 -11.69 -13.45
C ALA B 237 -6.36 -11.77 -13.80
N VAL B 238 -6.78 -12.94 -14.28
CA VAL B 238 -8.19 -13.18 -14.59
C VAL B 238 -9.07 -13.05 -13.35
N GLU B 239 -8.61 -13.61 -12.24
CA GLU B 239 -9.36 -13.59 -10.99
C GLU B 239 -9.50 -12.18 -10.42
N ALA B 240 -8.40 -11.43 -10.42
CA ALA B 240 -8.44 -10.05 -9.98
C ALA B 240 -9.44 -9.23 -10.80
N ALA B 241 -9.45 -9.44 -12.11
CA ALA B 241 -10.35 -8.71 -12.99
C ALA B 241 -11.80 -9.04 -12.70
N LYS B 242 -12.09 -10.34 -12.61
CA LYS B 242 -13.45 -10.81 -12.30
C LYS B 242 -13.94 -10.28 -10.97
N LYS B 243 -13.06 -10.23 -9.97
CA LYS B 243 -13.40 -9.67 -8.68
C LYS B 243 -13.76 -8.21 -8.80
N ALA B 244 -13.00 -7.47 -9.60
CA ALA B 244 -13.16 -6.03 -9.71
C ALA B 244 -14.49 -5.64 -10.34
N ILE B 245 -14.97 -6.45 -11.28
CA ILE B 245 -16.21 -6.14 -11.97
C ILE B 245 -17.39 -6.88 -11.37
N SER B 246 -17.15 -7.60 -10.28
CA SER B 246 -18.23 -8.32 -9.62
C SER B 246 -18.51 -7.80 -8.22
N SER B 247 -19.78 -7.48 -7.98
CA SER B 247 -20.31 -7.27 -6.63
C SER B 247 -21.78 -7.69 -6.61
N PRO B 248 -22.16 -8.50 -5.62
CA PRO B 248 -23.56 -8.91 -5.47
C PRO B 248 -24.42 -7.76 -4.94
N LEU B 249 -23.81 -6.67 -4.50
CA LEU B 249 -24.58 -5.57 -3.91
C LEU B 249 -25.04 -4.54 -4.95
N LEU B 250 -24.58 -4.66 -6.19
CA LEU B 250 -24.90 -3.63 -7.16
C LEU B 250 -26.14 -3.90 -8.00
N GLU B 251 -26.81 -2.80 -8.34
CA GLU B 251 -28.00 -2.80 -9.18
C GLU B 251 -27.57 -2.87 -10.65
N THR B 252 -26.35 -2.41 -10.90
CA THR B 252 -25.86 -2.26 -12.27
C THR B 252 -24.76 -3.27 -12.58
N SER B 253 -25.00 -4.12 -13.57
CA SER B 253 -23.93 -4.96 -14.14
C SER B 253 -22.99 -4.12 -15.01
N ILE B 254 -21.86 -4.70 -15.38
CA ILE B 254 -20.86 -4.00 -16.19
C ILE B 254 -21.11 -4.10 -17.70
N VAL B 255 -21.85 -5.13 -18.11
CA VAL B 255 -22.10 -5.40 -19.52
C VAL B 255 -22.68 -4.20 -20.27
N GLY B 256 -22.08 -3.85 -21.39
CA GLY B 256 -22.56 -2.73 -22.19
C GLY B 256 -21.96 -1.40 -21.80
N ALA B 257 -20.96 -1.43 -20.90
CA ALA B 257 -20.29 -0.20 -20.50
C ALA B 257 -19.77 0.57 -21.71
N GLN B 258 -19.92 1.89 -21.67
CA GLN B 258 -19.53 2.73 -22.79
C GLN B 258 -18.25 3.47 -22.45
N GLY B 259 -17.86 3.39 -21.19
CA GLY B 259 -16.65 4.03 -20.74
C GLY B 259 -15.98 3.14 -19.73
N VAL B 260 -14.68 2.94 -19.92
CA VAL B 260 -13.89 2.14 -18.99
C VAL B 260 -12.55 2.75 -18.67
N LEU B 261 -12.32 2.96 -17.37
CA LEU B 261 -11.00 3.26 -16.90
C LEU B 261 -10.50 2.02 -16.20
N MET B 262 -9.34 1.52 -16.63
CA MET B 262 -8.83 0.28 -16.07
C MET B 262 -7.33 0.34 -15.80
N ASN B 263 -6.96 -0.06 -14.59
CA ASN B 263 -5.54 -0.14 -14.24
C ASN B 263 -5.16 -1.48 -13.63
N ILE B 264 -3.98 -1.96 -14.00
CA ILE B 264 -3.44 -3.19 -13.43
C ILE B 264 -2.08 -2.92 -12.82
N THR B 265 -1.95 -3.28 -11.54
CA THR B 265 -0.69 -3.09 -10.82
C THR B 265 -0.14 -4.44 -10.40
N GLY B 266 1.16 -4.64 -10.59
CA GLY B 266 1.80 -5.87 -10.18
C GLY B 266 3.25 -5.64 -9.80
N GLY B 267 3.91 -6.70 -9.34
CA GLY B 267 5.34 -6.65 -9.09
C GLY B 267 6.11 -6.81 -10.38
N GLU B 268 7.42 -7.08 -10.27
CA GLU B 268 8.28 -7.23 -11.44
C GLU B 268 7.85 -8.38 -12.34
N SER B 269 7.14 -9.35 -11.78
CA SER B 269 6.66 -10.51 -12.54
C SER B 269 5.45 -10.24 -13.42
N LEU B 270 4.85 -9.05 -13.31
CA LEU B 270 3.68 -8.73 -14.12
C LEU B 270 3.98 -8.84 -15.62
N SER B 271 3.29 -9.76 -16.29
CA SER B 271 3.56 -10.05 -17.68
C SER B 271 2.56 -9.36 -18.58
N LEU B 272 2.96 -9.15 -19.82
CA LEU B 272 2.11 -8.54 -20.83
C LEU B 272 0.87 -9.39 -21.08
N PHE B 273 1.04 -10.71 -21.05
CA PHE B 273 -0.05 -11.65 -21.27
C PHE B 273 -1.11 -11.57 -20.17
N GLU B 274 -0.67 -11.38 -18.93
CA GLU B 274 -1.59 -11.18 -17.81
C GLU B 274 -2.45 -9.93 -18.00
N ALA B 275 -1.82 -8.85 -18.44
CA ALA B 275 -2.52 -7.61 -18.69
C ALA B 275 -3.59 -7.80 -19.75
N GLN B 276 -3.23 -8.49 -20.84
CA GLN B 276 -4.18 -8.83 -21.91
C GLN B 276 -5.35 -9.68 -21.41
N GLU B 277 -5.06 -10.68 -20.60
CA GLU B 277 -6.11 -11.55 -20.06
C GLU B 277 -7.12 -10.74 -19.25
N ALA B 278 -6.62 -9.87 -18.38
CA ALA B 278 -7.49 -9.05 -17.55
C ALA B 278 -8.27 -8.08 -18.43
N ALA B 279 -7.58 -7.45 -19.37
CA ALA B 279 -8.21 -6.48 -20.25
C ALA B 279 -9.29 -7.12 -21.13
N ASP B 280 -9.06 -8.35 -21.57
CA ASP B 280 -10.04 -9.03 -22.42
C ASP B 280 -11.34 -9.36 -21.69
N ILE B 281 -11.24 -9.71 -20.41
CA ILE B 281 -12.43 -9.90 -19.58
C ILE B 281 -13.31 -8.66 -19.69
N VAL B 282 -12.72 -7.50 -19.39
CA VAL B 282 -13.42 -6.23 -19.37
C VAL B 282 -13.92 -5.82 -20.76
N GLN B 283 -13.06 -5.94 -21.77
CA GLN B 283 -13.43 -5.57 -23.15
C GLN B 283 -14.60 -6.36 -23.71
N ASP B 284 -14.67 -7.64 -23.36
CA ASP B 284 -15.76 -8.49 -23.82
C ASP B 284 -17.09 -8.00 -23.28
N ALA B 285 -17.13 -7.71 -21.98
CA ALA B 285 -18.32 -7.20 -21.33
C ALA B 285 -18.74 -5.83 -21.87
N ALA B 286 -17.76 -5.01 -22.22
CA ALA B 286 -18.03 -3.64 -22.64
C ALA B 286 -18.64 -3.55 -24.05
N ASP B 287 -19.35 -2.45 -24.30
CA ASP B 287 -19.91 -2.14 -25.62
C ASP B 287 -18.81 -2.09 -26.66
N GLU B 288 -19.16 -2.44 -27.90
CA GLU B 288 -18.23 -2.44 -29.02
C GLU B 288 -17.46 -1.12 -29.10
N ASP B 289 -18.19 -0.03 -28.89
CA ASP B 289 -17.63 1.31 -29.04
C ASP B 289 -17.14 1.90 -27.72
N VAL B 290 -16.70 1.04 -26.80
CA VAL B 290 -16.25 1.50 -25.49
C VAL B 290 -15.05 2.45 -25.61
N ASN B 291 -15.10 3.53 -24.84
CA ASN B 291 -13.92 4.38 -24.66
C ASN B 291 -13.14 3.80 -23.49
N MET B 292 -12.10 3.02 -23.80
CA MET B 292 -11.33 2.35 -22.76
C MET B 292 -9.96 2.98 -22.60
N ILE B 293 -9.67 3.40 -21.38
CA ILE B 293 -8.36 3.95 -21.05
C ILE B 293 -7.68 2.97 -20.09
N PHE B 294 -6.61 2.34 -20.57
CA PHE B 294 -5.96 1.24 -19.87
C PHE B 294 -4.54 1.59 -19.46
N GLY B 295 -4.22 1.36 -18.19
CA GLY B 295 -2.90 1.64 -17.67
C GLY B 295 -2.30 0.45 -16.92
N THR B 296 -0.97 0.40 -16.87
CA THR B 296 -0.27 -0.60 -16.07
C THR B 296 0.79 0.06 -15.19
N VAL B 297 0.93 -0.45 -13.97
CA VAL B 297 1.90 0.10 -13.05
C VAL B 297 2.73 -1.05 -12.49
N ILE B 298 4.05 -0.91 -12.54
CA ILE B 298 4.91 -1.85 -11.86
C ILE B 298 5.22 -1.32 -10.48
N ASN B 299 4.90 -2.11 -9.46
CA ASN B 299 5.22 -1.75 -8.08
C ASN B 299 5.93 -2.91 -7.41
N PRO B 300 7.27 -2.82 -7.32
CA PRO B 300 8.18 -3.84 -6.79
C PRO B 300 7.83 -4.28 -5.37
N GLU B 301 7.18 -3.41 -4.61
CA GLU B 301 6.74 -3.74 -3.26
C GLU B 301 5.89 -5.01 -3.27
N LEU B 302 5.12 -5.17 -4.34
CA LEU B 302 4.28 -6.33 -4.56
C LEU B 302 5.09 -7.54 -5.01
N GLN B 303 4.75 -8.73 -4.50
CA GLN B 303 5.43 -9.95 -4.94
C GLN B 303 4.48 -10.77 -5.81
N ASP B 304 3.67 -11.62 -5.20
CA ASP B 304 2.74 -12.45 -5.96
C ASP B 304 1.35 -11.83 -6.21
N GLU B 305 1.07 -10.67 -5.63
CA GLU B 305 -0.25 -10.06 -5.82
C GLU B 305 -0.34 -9.23 -7.10
N ILE B 306 -1.51 -9.24 -7.70
CA ILE B 306 -1.86 -8.32 -8.76
C ILE B 306 -3.11 -7.56 -8.31
N VAL B 307 -3.14 -6.25 -8.54
CA VAL B 307 -4.32 -5.46 -8.21
C VAL B 307 -4.92 -4.89 -9.49
N VAL B 308 -6.20 -5.18 -9.71
CA VAL B 308 -6.93 -4.68 -10.86
C VAL B 308 -8.01 -3.68 -10.43
N THR B 309 -7.90 -2.46 -10.94
CA THR B 309 -8.90 -1.43 -10.68
C THR B 309 -9.70 -1.19 -11.95
N VAL B 310 -11.02 -1.21 -11.82
CA VAL B 310 -11.92 -0.93 -12.94
C VAL B 310 -12.98 0.10 -12.55
N ILE B 311 -13.06 1.16 -13.34
CA ILE B 311 -14.20 2.09 -13.28
C ILE B 311 -14.93 1.98 -14.60
N ALA B 312 -16.20 1.57 -14.54
CA ALA B 312 -17.01 1.40 -15.73
C ALA B 312 -18.23 2.30 -15.66
N THR B 313 -18.58 2.93 -16.78
CA THR B 313 -19.70 3.86 -16.83
C THR B 313 -20.50 3.72 -18.11
N GLY B 314 -21.68 4.35 -18.15
CA GLY B 314 -22.50 4.36 -19.34
C GLY B 314 -23.37 3.13 -19.45
PG GTP C . 37.53 -1.78 -6.00
O1G GTP C . 36.94 -1.80 -7.38
O2G GTP C . 37.88 -0.37 -5.61
O3G GTP C . 38.79 -2.62 -5.98
O3B GTP C . 36.48 -2.34 -4.92
PB GTP C . 34.90 -2.45 -5.19
O1B GTP C . 34.39 -1.25 -5.92
O2B GTP C . 34.23 -2.54 -3.84
O3A GTP C . 34.68 -3.81 -6.03
PA GTP C . 33.24 -4.30 -6.53
O1A GTP C . 32.13 -3.79 -5.63
O2A GTP C . 32.99 -3.86 -7.95
O5' GTP C . 33.28 -5.89 -6.46
C5' GTP C . 33.36 -6.52 -5.20
C4' GTP C . 32.64 -7.86 -5.28
O4' GTP C . 31.25 -7.59 -5.29
C3' GTP C . 32.93 -8.62 -6.56
O3' GTP C . 33.95 -9.59 -6.36
C2' GTP C . 31.61 -9.29 -6.88
O2' GTP C . 31.60 -10.59 -6.34
C1' GTP C . 30.57 -8.49 -6.14
N9 GTP C . 29.74 -7.66 -7.04
C8 GTP C . 30.15 -6.64 -7.87
N7 GTP C . 29.07 -6.14 -8.50
C5 GTP C . 27.96 -6.81 -8.08
C6 GTP C . 26.62 -6.71 -8.40
O6 GTP C . 26.23 -5.88 -9.21
N1 GTP C . 25.71 -7.56 -7.79
C2 GTP C . 26.15 -8.51 -6.88
N2 GTP C . 25.28 -9.33 -6.29
N3 GTP C . 27.49 -8.61 -6.58
C4 GTP C . 28.38 -7.77 -7.16
MG MG D . 35.28 -0.35 -8.10
PG GTP E . -35.57 11.44 8.15
O1G GTP E . -35.10 10.68 9.35
O2G GTP E . -35.44 12.92 8.37
O3G GTP E . -37.02 11.15 7.87
O3B GTP E . -34.70 11.05 6.83
PB GTP E . -33.33 10.19 6.84
O1B GTP E . -32.40 10.63 7.93
O2B GTP E . -32.66 10.38 5.50
O3A GTP E . -33.77 8.66 7.05
PA GTP E . -32.70 7.47 7.26
O1A GTP E . -31.37 7.78 6.61
O2A GTP E . -32.51 7.16 8.72
O5' GTP E . -33.34 6.21 6.52
C5' GTP E . -33.47 6.22 5.11
C4' GTP E . -33.33 4.80 4.59
O4' GTP E . -31.97 4.43 4.61
C3' GTP E . -34.06 3.80 5.47
O3' GTP E . -35.35 3.57 4.96
C2' GTP E . -33.17 2.57 5.42
O2' GTP E . -33.66 1.71 4.42
C1' GTP E . -31.81 3.08 4.98
N9 GTP E . -30.78 3.07 6.04
C8 GTP E . -30.83 3.72 7.25
N7 GTP E . -29.68 3.49 7.91
C5 GTP E . -28.88 2.72 7.13
C6 GTP E . -27.60 2.21 7.33
O6 GTP E . -27.00 2.44 8.37
N1 GTP E . -27.03 1.42 6.34
C2 GTP E . -27.73 1.17 5.17
N2 GTP E . -27.19 0.42 4.21
N3 GTP E . -28.99 1.70 4.98
C4 GTP E . -29.56 2.46 5.95
MG MG F . -32.95 10.73 10.32
#